data_8OHV
#
_entry.id   8OHV
#
_cell.length_a   82.037
_cell.length_b   42.614
_cell.length_c   140.141
_cell.angle_alpha   90.000
_cell.angle_beta   99.417
_cell.angle_gamma   90.000
#
_symmetry.space_group_name_H-M   'I 1 2 1'
#
loop_
_entity.id
_entity.type
_entity.pdbx_description
1 polymer 'beta-glucuronidase from Acidobacterium capsulatum'
2 non-polymer '(3~{S},4~{R})-4,5,5-tris(oxidanyl)piperidine-3-carboxylic acid'
3 non-polymer 'SULFATE ION'
4 water water
#
_entity_poly.entity_id   1
_entity_poly.type   'polypeptide(L)'
_entity_poly.pdbx_seq_one_letter_code
;MAFARGGLAQTASQTTSSPVRVGLSVDASALGHTIPPDYTGLSYEQAQMANPNYFSGANTQLAGFLRTLGRQGVLRIGGN
TSEYTFWNRHAKPTAADEHLAAGPDKGHHAAAREVITPEAVNNLSEFLDKTGWKLIYGLNLGKGTPENAADEAAYVMETI
GADRLLAFQLGNEPDLFYRNGIRPASYDFAAYAGDWQRFFTAIRKRVPNAPFAGPDTAYNTKWLVPFADKFKHDVKFISS
HYYAEGPPTDPSMTIERLMKPNPRLLGETAGLKQVEADTGLPFRLTETNSCYQGGKQGVSDTFAAALWAGDLMYQQAAAG
STGINFHGGGYGWYTPVAGTPEDGFIARPEYYGMLLFAQAGAGQLLGAKLTDNSAAPLLTAYALRGTDGRTRIALFNKNL
DADVEVAISGVASPSGTVLRLEAPRADDTTDVTFGGAPVGASGSWSPLVQEYVPGHSGQFVLHMRKASGALLEFA
;
_entity_poly.pdbx_strand_id   AAA
#
loop_
_chem_comp.id
_chem_comp.type
_chem_comp.name
_chem_comp.formula
SO4 non-polymer 'SULFATE ION' 'O4 S -2'
VP5 non-polymer '(3~{S},4~{R})-4,5,5-tris(oxidanyl)piperidine-3-carboxylic acid' 'C6 H11 N O5'
#
# COMPACT_ATOMS: atom_id res chain seq x y z
N SER A 18 -35.64 -2.25 4.28
CA SER A 18 -35.58 -1.17 5.29
C SER A 18 -34.15 -0.64 5.41
N PRO A 19 -33.65 0.15 4.44
CA PRO A 19 -32.30 0.71 4.56
C PRO A 19 -32.20 1.58 5.81
N VAL A 20 -31.00 1.63 6.41
CA VAL A 20 -30.68 2.61 7.48
C VAL A 20 -30.47 3.96 6.80
N ARG A 21 -31.26 4.97 7.17
CA ARG A 21 -31.31 6.28 6.48
C ARG A 21 -30.31 7.20 7.17
N VAL A 22 -29.23 7.53 6.49
CA VAL A 22 -28.08 8.27 7.11
C VAL A 22 -27.92 9.55 6.31
N GLY A 23 -27.37 10.57 6.95
CA GLY A 23 -27.03 11.83 6.30
C GLY A 23 -25.53 11.92 6.17
N LEU A 24 -25.10 12.45 5.04
CA LEU A 24 -23.70 12.75 4.74
C LEU A 24 -23.68 14.19 4.35
N SER A 25 -22.97 14.98 5.16
CA SER A 25 -22.77 16.43 4.93
C SER A 25 -21.34 16.65 4.45
N VAL A 26 -21.20 17.12 3.21
CA VAL A 26 -19.88 17.50 2.64
C VAL A 26 -19.62 18.97 2.97
N ASP A 27 -18.41 19.29 3.41
CA ASP A 27 -18.05 20.67 3.84
C ASP A 27 -16.76 21.04 3.10
N ALA A 28 -16.91 21.71 1.97
CA ALA A 28 -15.75 22.07 1.12
C ALA A 28 -14.88 23.11 1.84
N SER A 29 -15.37 23.72 2.94
CA SER A 29 -14.61 24.73 3.73
C SER A 29 -13.70 24.04 4.77
N ALA A 30 -13.88 22.75 4.97
CA ALA A 30 -13.09 21.94 5.92
C ALA A 30 -12.02 21.24 5.10
N LEU A 31 -11.00 21.99 4.69
CA LEU A 31 -9.90 21.50 3.83
C LEU A 31 -9.03 20.56 4.63
N GLY A 32 -8.81 19.37 4.08
CA GLY A 32 -7.94 18.37 4.70
C GLY A 32 -6.65 18.23 3.94
N HIS A 33 -6.06 17.06 4.09
CA HIS A 33 -4.77 16.74 3.44
C HIS A 33 -4.95 16.56 1.95
N THR A 34 -3.89 16.91 1.21
CA THR A 34 -3.71 16.68 -0.23
C THR A 34 -3.20 15.25 -0.45
N ILE A 35 -3.85 14.54 -1.36
CA ILE A 35 -3.39 13.18 -1.79
C ILE A 35 -2.48 13.38 -2.99
N PRO A 36 -1.18 13.02 -2.90
CA PRO A 36 -0.27 13.17 -4.03
C PRO A 36 -0.43 12.06 -5.07
N PRO A 37 0.01 12.29 -6.32
CA PRO A 37 -0.15 11.30 -7.36
C PRO A 37 0.59 9.97 -7.09
N ASP A 38 1.62 9.94 -6.23
CA ASP A 38 2.41 8.70 -5.98
C ASP A 38 1.97 8.08 -4.66
N TYR A 39 0.74 8.35 -4.23
CA TYR A 39 0.24 7.80 -2.94
C TYR A 39 0.16 6.28 -3.03
N THR A 40 -0.39 5.72 -4.13
CA THR A 40 -0.64 4.26 -4.17
C THR A 40 0.66 3.50 -4.30
N GLY A 41 0.60 2.21 -3.95
CA GLY A 41 1.82 1.43 -4.07
C GLY A 41 1.65 0.00 -3.62
N LEU A 42 2.66 -0.78 -3.93
CA LEU A 42 2.70 -2.23 -3.62
C LEU A 42 4.02 -2.52 -2.92
N SER A 43 4.05 -3.59 -2.13
CA SER A 43 5.25 -4.12 -1.49
C SER A 43 5.43 -5.60 -1.84
N TYR A 44 6.67 -5.97 -2.15
CA TYR A 44 7.07 -7.36 -2.48
C TYR A 44 8.24 -7.77 -1.61
N GLU A 45 8.41 -9.08 -1.41
CA GLU A 45 9.62 -9.66 -0.77
C GLU A 45 10.87 -9.45 -1.63
N GLN A 46 11.97 -9.08 -1.00
CA GLN A 46 13.28 -8.96 -1.65
C GLN A 46 13.65 -10.27 -2.33
N ALA A 47 13.28 -11.40 -1.74
CA ALA A 47 13.59 -12.72 -2.32
C ALA A 47 13.15 -12.76 -3.79
N GLN A 48 12.12 -12.05 -4.20
CA GLN A 48 11.63 -12.13 -5.59
C GLN A 48 12.71 -11.60 -6.54
N MET A 49 13.65 -10.77 -6.07
CA MET A 49 14.73 -10.26 -6.94
C MET A 49 15.70 -11.38 -7.32
N ALA A 50 15.63 -12.54 -6.70
CA ALA A 50 16.43 -13.71 -7.14
C ALA A 50 15.96 -14.21 -8.52
N ASN A 51 14.74 -13.87 -8.96
CA ASN A 51 14.20 -14.29 -10.28
C ASN A 51 14.23 -13.09 -11.21
N PRO A 52 15.20 -12.95 -12.12
CA PRO A 52 15.27 -11.75 -12.97
C PRO A 52 14.14 -11.63 -14.00
N ASN A 53 13.30 -12.67 -14.11
CA ASN A 53 12.13 -12.70 -15.02
C ASN A 53 10.91 -12.01 -14.41
N TYR A 54 10.92 -11.75 -13.10
CA TYR A 54 9.69 -11.30 -12.40
C TYR A 54 9.58 -9.80 -12.61
N PHE A 55 10.50 -9.03 -12.01
CA PHE A 55 10.54 -7.57 -12.25
C PHE A 55 11.39 -7.29 -13.48
N SER A 56 10.76 -7.33 -14.65
CA SER A 56 11.51 -7.39 -15.93
C SER A 56 10.72 -6.62 -16.97
N GLY A 57 11.42 -6.09 -17.98
CA GLY A 57 10.71 -5.45 -19.09
C GLY A 57 9.78 -6.41 -19.80
N ALA A 58 10.13 -7.70 -19.79
CA ALA A 58 9.37 -8.76 -20.44
C ALA A 58 8.10 -9.08 -19.64
N ASN A 59 7.99 -8.65 -18.37
CA ASN A 59 6.75 -8.92 -17.61
C ASN A 59 5.73 -7.82 -17.92
N THR A 60 5.15 -7.85 -19.10
CA THR A 60 4.17 -6.85 -19.55
C THR A 60 2.88 -7.02 -18.73
N GLN A 61 2.53 -8.25 -18.32
CA GLN A 61 1.26 -8.45 -17.60
C GLN A 61 1.32 -7.68 -16.29
N LEU A 62 2.33 -7.95 -15.48
CA LEU A 62 2.39 -7.32 -14.14
C LEU A 62 2.55 -5.80 -14.30
N ALA A 63 3.33 -5.35 -15.28
CA ALA A 63 3.47 -3.89 -15.50
C ALA A 63 2.10 -3.26 -15.76
N GLY A 64 1.20 -3.93 -16.50
CA GLY A 64 -0.12 -3.38 -16.80
C GLY A 64 -0.99 -3.30 -15.56
N PHE A 65 -0.88 -4.27 -14.66
CA PHE A 65 -1.61 -4.16 -13.38
C PHE A 65 -1.15 -2.93 -12.58
N LEU A 66 0.13 -2.62 -12.60
CA LEU A 66 0.61 -1.45 -11.83
C LEU A 66 0.09 -0.15 -12.50
N ARG A 67 0.18 -0.06 -13.83
CA ARG A 67 -0.27 1.16 -14.55
C ARG A 67 -1.75 1.41 -14.24
N THR A 68 -2.61 0.37 -14.17
CA THR A 68 -4.04 0.56 -13.86
C THR A 68 -4.23 1.05 -12.42
N LEU A 69 -3.30 0.74 -11.51
CA LEU A 69 -3.43 1.22 -10.11
C LEU A 69 -2.97 2.66 -9.98
N GLY A 70 -2.17 3.16 -10.92
CA GLY A 70 -1.76 4.57 -10.89
C GLY A 70 -0.76 4.89 -11.99
N ARG A 71 -0.88 6.10 -12.55
CA ARG A 71 0.13 6.67 -13.46
C ARG A 71 1.43 6.86 -12.69
N GLN A 72 1.31 7.15 -11.40
CA GLN A 72 2.44 7.19 -10.49
C GLN A 72 2.06 6.32 -9.30
N GLY A 73 3.09 5.86 -8.63
CA GLY A 73 2.93 4.94 -7.49
C GLY A 73 4.32 4.49 -7.10
N VAL A 74 4.40 3.70 -6.05
CA VAL A 74 5.72 3.25 -5.54
C VAL A 74 5.73 1.75 -5.38
N LEU A 75 6.75 1.11 -5.94
CA LEU A 75 7.10 -0.29 -5.65
C LEU A 75 8.09 -0.34 -4.51
N ARG A 76 7.72 -1.02 -3.39
CA ARG A 76 8.65 -1.19 -2.27
C ARG A 76 9.09 -2.65 -2.30
N ILE A 77 10.42 -2.87 -2.25
CA ILE A 77 11.00 -4.22 -2.14
C ILE A 77 11.66 -4.33 -0.76
N GLY A 78 11.25 -5.33 0.03
CA GLY A 78 11.77 -5.49 1.39
C GLY A 78 11.29 -6.75 2.06
N GLY A 79 10.71 -6.58 3.22
CA GLY A 79 10.08 -7.67 3.95
C GLY A 79 11.11 -8.53 4.66
N ASN A 80 10.63 -9.60 5.30
CA ASN A 80 11.47 -10.48 6.12
C ASN A 80 12.60 -11.04 5.26
N THR A 81 12.34 -11.30 3.99
CA THR A 81 13.39 -11.93 3.14
C THR A 81 14.53 -10.96 2.88
N SER A 82 14.39 -9.67 3.10
CA SER A 82 15.47 -8.69 2.87
C SER A 82 16.65 -8.97 3.84
N GLU A 83 16.44 -9.74 4.93
CA GLU A 83 17.58 -10.10 5.82
C GLU A 83 18.28 -11.36 5.29
N TYR A 84 17.70 -12.08 4.32
CA TYR A 84 18.12 -13.44 3.88
C TYR A 84 18.48 -13.40 2.40
N THR A 85 18.54 -12.21 1.81
CA THR A 85 18.85 -11.99 0.37
C THR A 85 20.20 -11.25 0.31
N PHE A 86 21.14 -11.78 -0.48
CA PHE A 86 22.54 -11.32 -0.51
C PHE A 86 22.96 -10.95 -1.92
N TRP A 87 23.38 -9.70 -2.03
CA TRP A 87 23.89 -9.11 -3.28
C TRP A 87 25.23 -9.74 -3.63
N ASN A 88 25.41 -10.10 -4.89
CA ASN A 88 26.66 -10.73 -5.42
C ASN A 88 26.93 -10.12 -6.79
N ARG A 89 27.85 -9.17 -6.90
CA ARG A 89 28.04 -8.37 -8.15
C ARG A 89 28.64 -9.23 -9.27
N HIS A 90 29.14 -10.44 -8.98
CA HIS A 90 29.65 -11.34 -10.06
C HIS A 90 28.69 -12.49 -10.36
N ALA A 91 27.59 -12.67 -9.62
CA ALA A 91 26.77 -13.90 -9.65
C ALA A 91 25.79 -13.90 -10.82
N LYS A 92 25.28 -15.08 -11.17
CA LYS A 92 24.15 -15.33 -12.11
C LYS A 92 23.10 -16.15 -11.35
N PRO A 93 21.80 -16.12 -11.76
CA PRO A 93 20.77 -16.80 -10.97
C PRO A 93 20.84 -18.31 -11.16
N THR A 94 20.40 -19.09 -10.16
CA THR A 94 20.32 -20.57 -10.22
C THR A 94 19.09 -21.00 -11.02
N ALA A 95 18.96 -22.31 -11.30
CA ALA A 95 17.86 -22.93 -12.07
C ALA A 95 16.51 -22.64 -11.41
N ALA A 96 16.35 -23.04 -10.14
CA ALA A 96 15.11 -22.90 -9.32
C ALA A 96 14.64 -21.44 -9.27
N ASP A 97 15.58 -20.49 -9.25
CA ASP A 97 15.17 -19.08 -9.01
C ASP A 97 14.82 -18.41 -10.35
N GLU A 98 15.14 -18.99 -11.52
CA GLU A 98 14.54 -18.53 -12.80
C GLU A 98 13.02 -18.73 -12.78
N HIS A 99 12.50 -19.59 -11.88
CA HIS A 99 11.06 -19.94 -11.78
C HIS A 99 10.49 -19.55 -10.39
N LEU A 100 11.21 -18.76 -9.60
CA LEU A 100 10.77 -18.41 -8.22
C LEU A 100 9.65 -17.37 -8.26
N ALA A 101 8.54 -17.71 -7.60
CA ALA A 101 7.47 -16.73 -7.28
C ALA A 101 7.44 -16.65 -5.76
N ALA A 102 8.06 -15.59 -5.22
CA ALA A 102 8.26 -15.42 -3.78
C ALA A 102 7.03 -14.72 -3.22
N GLY A 103 6.18 -15.47 -2.55
CA GLY A 103 5.03 -14.85 -1.86
C GLY A 103 5.47 -14.29 -0.51
N PRO A 104 4.55 -13.56 0.15
CA PRO A 104 4.83 -12.98 1.46
C PRO A 104 5.38 -14.06 2.38
N ASP A 105 6.43 -13.67 3.09
CA ASP A 105 7.04 -14.54 4.12
C ASP A 105 6.03 -14.79 5.24
N LYS A 106 5.96 -16.04 5.73
CA LYS A 106 4.94 -16.35 6.74
C LYS A 106 5.45 -16.10 8.15
N GLY A 107 6.73 -15.78 8.33
CA GLY A 107 7.30 -15.27 9.59
C GLY A 107 7.33 -16.33 10.69
N HIS A 108 7.39 -17.62 10.32
CA HIS A 108 7.46 -18.72 11.33
C HIS A 108 8.94 -19.01 11.64
N HIS A 109 9.79 -19.05 10.61
CA HIS A 109 11.25 -19.30 10.75
C HIS A 109 12.03 -18.50 9.71
N ALA A 110 13.35 -18.60 9.77
CA ALA A 110 14.28 -17.97 8.79
C ALA A 110 13.85 -18.31 7.37
N ALA A 111 13.84 -17.31 6.49
CA ALA A 111 13.65 -17.54 5.04
C ALA A 111 14.87 -18.22 4.44
N ALA A 112 14.67 -18.93 3.33
CA ALA A 112 15.72 -19.51 2.48
C ALA A 112 16.66 -18.40 1.98
N ARG A 113 17.96 -18.68 1.99
CA ARG A 113 18.99 -17.79 1.40
C ARG A 113 18.77 -17.60 -0.10
N GLU A 114 18.88 -16.38 -0.59
CA GLU A 114 18.73 -16.04 -2.03
C GLU A 114 19.82 -15.04 -2.39
N VAL A 115 20.19 -15.03 -3.67
CA VAL A 115 21.24 -14.14 -4.20
C VAL A 115 20.58 -13.18 -5.18
N ILE A 116 20.94 -11.91 -5.09
CA ILE A 116 20.54 -10.85 -6.03
C ILE A 116 21.74 -10.55 -6.93
N THR A 117 21.47 -10.52 -8.23
CA THR A 117 22.45 -10.37 -9.33
C THR A 117 22.24 -9.01 -9.97
N PRO A 118 23.31 -8.49 -10.61
CA PRO A 118 23.18 -7.29 -11.44
C PRO A 118 22.07 -7.41 -12.50
N GLU A 119 21.93 -8.57 -13.14
CA GLU A 119 20.88 -8.81 -14.16
C GLU A 119 19.50 -8.47 -13.56
N ALA A 120 19.24 -8.92 -12.33
CA ALA A 120 17.96 -8.62 -11.63
C ALA A 120 17.79 -7.11 -11.46
N VAL A 121 18.83 -6.35 -11.13
CA VAL A 121 18.65 -4.89 -10.96
C VAL A 121 18.46 -4.23 -12.33
N ASN A 122 19.20 -4.69 -13.35
CA ASN A 122 19.02 -4.19 -14.73
C ASN A 122 17.56 -4.39 -15.19
N ASN A 123 17.02 -5.56 -14.93
CA ASN A 123 15.64 -5.93 -15.36
C ASN A 123 14.63 -5.12 -14.53
N LEU A 124 14.91 -4.91 -13.25
CA LEU A 124 14.00 -4.07 -12.42
C LEU A 124 13.91 -2.65 -13.00
N SER A 125 15.04 -2.05 -13.42
CA SER A 125 15.02 -0.72 -14.05
C SER A 125 14.07 -0.74 -15.29
N GLU A 126 14.19 -1.76 -16.12
CA GLU A 126 13.39 -1.85 -17.38
C GLU A 126 11.90 -1.97 -16.99
N PHE A 127 11.59 -2.73 -15.94
CA PHE A 127 10.21 -2.91 -15.41
C PHE A 127 9.64 -1.55 -14.96
N LEU A 128 10.38 -0.82 -14.11
CA LEU A 128 9.93 0.46 -13.56
C LEU A 128 9.71 1.46 -14.69
N ASP A 129 10.57 1.42 -15.70
CA ASP A 129 10.48 2.40 -16.82
C ASP A 129 9.23 2.12 -17.66
N LYS A 130 8.70 0.90 -17.66
CA LYS A 130 7.43 0.56 -18.36
C LYS A 130 6.23 1.04 -17.55
N THR A 131 6.42 1.34 -16.27
CA THR A 131 5.27 1.64 -15.40
C THR A 131 5.13 3.11 -15.09
N GLY A 132 6.19 3.93 -15.01
CA GLY A 132 6.02 5.26 -14.35
C GLY A 132 6.15 5.25 -12.80
N TRP A 133 6.38 4.10 -12.18
CA TRP A 133 6.45 4.01 -10.71
C TRP A 133 7.86 4.24 -10.20
N LYS A 134 7.96 4.59 -8.93
CA LYS A 134 9.24 4.83 -8.24
C LYS A 134 9.53 3.65 -7.30
N LEU A 135 10.74 3.61 -6.77
CA LEU A 135 11.23 2.44 -6.03
C LEU A 135 11.65 2.79 -4.61
N ILE A 136 11.22 1.96 -3.63
CA ILE A 136 11.85 1.89 -2.30
C ILE A 136 12.53 0.54 -2.21
N TYR A 137 13.82 0.55 -1.93
CA TYR A 137 14.67 -0.67 -2.05
C TYR A 137 15.33 -0.98 -0.72
N GLY A 138 14.98 -2.14 -0.19
CA GLY A 138 15.57 -2.69 1.05
C GLY A 138 17.04 -3.11 0.89
N LEU A 139 17.86 -2.77 1.89
CA LEU A 139 19.24 -3.28 2.01
C LEU A 139 19.33 -4.19 3.24
N ASN A 140 20.30 -5.10 3.22
CA ASN A 140 20.39 -6.20 4.23
C ASN A 140 21.19 -5.72 5.44
N LEU A 141 20.54 -5.03 6.37
CA LEU A 141 21.17 -4.62 7.64
C LEU A 141 21.12 -5.80 8.63
N GLY A 142 20.19 -6.74 8.49
CA GLY A 142 20.06 -7.86 9.45
C GLY A 142 21.25 -8.82 9.42
N LYS A 143 21.70 -9.21 8.23
CA LYS A 143 22.75 -10.26 8.11
C LYS A 143 23.89 -9.82 7.20
N GLY A 144 23.77 -8.71 6.47
CA GLY A 144 24.77 -8.27 5.47
C GLY A 144 25.83 -7.36 6.08
N THR A 145 26.88 -7.03 5.34
CA THR A 145 27.88 -6.05 5.84
C THR A 145 27.61 -4.64 5.29
N PRO A 146 28.09 -3.60 5.97
CA PRO A 146 28.01 -2.22 5.46
C PRO A 146 28.66 -2.12 4.07
N GLU A 147 29.80 -2.77 3.86
CA GLU A 147 30.49 -2.64 2.55
C GLU A 147 29.68 -3.29 1.44
N ASN A 148 29.08 -4.44 1.67
CA ASN A 148 28.23 -5.10 0.66
C ASN A 148 27.00 -4.22 0.41
N ALA A 149 26.42 -3.61 1.42
CA ALA A 149 25.26 -2.71 1.21
C ALA A 149 25.71 -1.55 0.32
N ALA A 150 26.89 -0.99 0.56
CA ALA A 150 27.38 0.16 -0.23
C ALA A 150 27.56 -0.29 -1.67
N ASP A 151 28.03 -1.52 -1.88
CA ASP A 151 28.26 -2.04 -3.24
C ASP A 151 26.88 -2.17 -3.95
N GLU A 152 25.92 -2.73 -3.24
CA GLU A 152 24.54 -2.92 -3.79
C GLU A 152 23.90 -1.56 -4.08
N ALA A 153 23.99 -0.59 -3.17
CA ALA A 153 23.40 0.74 -3.29
C ALA A 153 24.03 1.40 -4.51
N ALA A 154 25.35 1.26 -4.68
CA ALA A 154 26.01 1.96 -5.82
C ALA A 154 25.48 1.46 -7.16
N TYR A 155 25.26 0.16 -7.25
CA TYR A 155 24.76 -0.47 -8.48
C TYR A 155 23.30 -0.05 -8.69
N VAL A 156 22.50 -0.09 -7.61
CA VAL A 156 21.05 0.28 -7.71
C VAL A 156 20.93 1.75 -8.10
N MET A 157 21.71 2.62 -7.47
CA MET A 157 21.60 4.07 -7.77
C MET A 157 21.96 4.31 -9.25
N GLU A 158 23.07 3.73 -9.72
CA GLU A 158 23.62 3.87 -11.11
C GLU A 158 22.54 3.40 -12.10
N THR A 159 21.90 2.29 -11.80
N THR A 159 21.88 2.28 -11.78
CA THR A 159 21.04 1.56 -12.78
CA THR A 159 21.08 1.51 -12.77
C THR A 159 19.61 2.12 -12.74
C THR A 159 19.59 1.91 -12.73
N ILE A 160 19.03 2.25 -11.56
CA ILE A 160 17.63 2.70 -11.41
C ILE A 160 17.62 4.20 -11.64
N GLY A 161 18.62 4.89 -11.11
CA GLY A 161 18.72 6.35 -11.27
C GLY A 161 17.99 7.09 -10.19
N ALA A 162 18.45 8.30 -9.90
CA ALA A 162 17.90 9.17 -8.85
C ALA A 162 16.41 9.45 -8.98
N ASP A 163 15.88 9.67 -10.20
CA ASP A 163 14.48 10.12 -10.35
C ASP A 163 13.52 8.98 -9.97
N ARG A 164 13.93 7.75 -10.18
CA ARG A 164 13.04 6.58 -9.90
C ARG A 164 13.36 5.97 -8.52
N LEU A 165 14.53 6.20 -7.95
CA LEU A 165 14.87 5.65 -6.61
C LEU A 165 14.40 6.66 -5.58
N LEU A 166 13.35 6.31 -4.85
CA LEU A 166 12.76 7.19 -3.83
C LEU A 166 13.57 7.10 -2.51
N ALA A 167 13.93 5.89 -2.11
CA ALA A 167 14.64 5.64 -0.85
C ALA A 167 15.21 4.23 -0.80
N PHE A 168 16.37 4.10 -0.17
CA PHE A 168 16.82 2.84 0.46
C PHE A 168 16.26 2.76 1.89
N GLN A 169 16.01 1.53 2.33
CA GLN A 169 15.70 1.26 3.75
C GLN A 169 16.69 0.26 4.29
N LEU A 170 17.15 0.51 5.50
CA LEU A 170 18.24 -0.28 6.14
C LEU A 170 17.62 -1.27 7.14
N GLY A 171 17.19 -2.41 6.62
CA GLY A 171 16.49 -3.45 7.41
C GLY A 171 14.99 -3.29 7.31
N ASN A 172 14.30 -4.38 7.53
CA ASN A 172 12.83 -4.49 7.57
C ASN A 172 12.44 -4.84 9.01
N GLU A 173 11.48 -4.12 9.60
CA GLU A 173 10.95 -4.47 10.96
C GLU A 173 12.10 -4.70 11.95
N PRO A 174 13.02 -3.74 12.11
CA PRO A 174 14.13 -3.89 13.05
C PRO A 174 13.65 -4.02 14.50
N ASP A 175 12.43 -3.55 14.77
CA ASP A 175 11.82 -3.66 16.11
C ASP A 175 11.45 -5.10 16.45
N LEU A 176 11.61 -6.04 15.54
CA LEU A 176 11.43 -7.47 15.83
C LEU A 176 12.73 -8.25 15.82
N PHE A 177 13.87 -7.61 15.62
CA PHE A 177 15.16 -8.37 15.58
C PHE A 177 15.43 -9.01 16.96
N TYR A 178 15.00 -8.39 18.04
CA TYR A 178 15.23 -8.89 19.43
C TYR A 178 14.52 -10.23 19.64
N ARG A 179 13.49 -10.51 18.84
CA ARG A 179 12.56 -11.65 19.08
C ARG A 179 12.81 -12.75 18.07
N ASN A 180 13.20 -12.44 16.83
CA ASN A 180 13.30 -13.39 15.70
C ASN A 180 14.72 -13.92 15.49
N GLY A 181 15.67 -13.59 16.36
CA GLY A 181 17.05 -14.12 16.32
C GLY A 181 18.01 -13.34 15.42
N ILE A 182 17.53 -12.27 14.78
CA ILE A 182 18.42 -11.48 13.91
C ILE A 182 19.40 -10.69 14.80
N ARG A 183 19.00 -10.37 16.04
CA ARG A 183 19.85 -9.66 16.99
C ARG A 183 19.70 -10.33 18.35
N PRO A 184 20.55 -9.93 19.33
CA PRO A 184 20.35 -10.39 20.70
C PRO A 184 19.06 -9.90 21.32
N ALA A 185 18.62 -10.56 22.40
CA ALA A 185 17.39 -10.22 23.13
C ALA A 185 17.43 -8.78 23.65
N SER A 186 18.61 -8.20 23.88
CA SER A 186 18.80 -6.84 24.42
C SER A 186 18.68 -5.76 23.33
N TYR A 187 18.52 -6.14 22.06
CA TYR A 187 18.48 -5.11 20.98
C TYR A 187 17.31 -4.18 21.23
N ASP A 188 17.55 -2.88 21.07
CA ASP A 188 16.56 -1.80 21.29
C ASP A 188 16.84 -0.67 20.29
N PHE A 189 16.09 0.41 20.41
CA PHE A 189 16.19 1.51 19.41
C PHE A 189 17.64 1.99 19.38
N ALA A 190 18.26 2.22 20.52
CA ALA A 190 19.66 2.73 20.57
C ALA A 190 20.62 1.80 19.82
N ALA A 191 20.47 0.48 19.96
CA ALA A 191 21.32 -0.48 19.23
C ALA A 191 21.05 -0.36 17.73
N TYR A 192 19.79 -0.27 17.34
CA TYR A 192 19.41 -0.12 15.92
C TYR A 192 20.05 1.15 15.38
N ALA A 193 19.99 2.26 16.12
CA ALA A 193 20.51 3.55 15.63
C ALA A 193 22.04 3.43 15.39
N GLY A 194 22.72 2.64 16.20
CA GLY A 194 24.16 2.36 16.03
C GLY A 194 24.41 1.59 14.75
N ASP A 195 23.60 0.57 14.48
CA ASP A 195 23.71 -0.20 13.21
C ASP A 195 23.38 0.73 12.06
N TRP A 196 22.29 1.48 12.14
CA TRP A 196 21.81 2.33 11.02
C TRP A 196 22.89 3.35 10.64
N GLN A 197 23.47 4.02 11.61
CA GLN A 197 24.55 5.02 11.36
C GLN A 197 25.75 4.39 10.62
N ARG A 198 26.16 3.19 11.01
CA ARG A 198 27.30 2.47 10.38
C ARG A 198 26.99 2.13 8.93
N PHE A 199 25.78 1.63 8.62
CA PHE A 199 25.41 1.36 7.21
C PHE A 199 25.28 2.66 6.42
N PHE A 200 24.54 3.65 6.95
CA PHE A 200 24.38 4.97 6.32
C PHE A 200 25.77 5.51 5.92
N THR A 201 26.71 5.54 6.85
CA THR A 201 28.04 6.14 6.57
C THR A 201 28.73 5.36 5.44
N ALA A 202 28.73 4.04 5.48
CA ALA A 202 29.39 3.22 4.42
C ALA A 202 28.75 3.52 3.06
N ILE A 203 27.42 3.54 3.00
CA ILE A 203 26.72 3.75 1.73
C ILE A 203 27.03 5.13 1.18
N ARG A 204 26.93 6.16 2.02
CA ARG A 204 27.11 7.56 1.54
C ARG A 204 28.54 7.78 1.04
N LYS A 205 29.52 7.00 1.49
CA LYS A 205 30.94 7.09 1.03
C LYS A 205 31.01 6.71 -0.44
N ARG A 206 30.19 5.76 -0.90
CA ARG A 206 30.15 5.28 -2.30
C ARG A 206 29.02 5.93 -3.10
N VAL A 207 27.99 6.46 -2.45
CA VAL A 207 26.75 6.97 -3.09
C VAL A 207 26.34 8.23 -2.37
N PRO A 208 27.03 9.36 -2.60
CA PRO A 208 26.78 10.56 -1.81
C PRO A 208 25.36 11.12 -1.91
N ASN A 209 24.66 10.80 -3.01
CA ASN A 209 23.27 11.21 -3.32
C ASN A 209 22.26 10.16 -2.83
N ALA A 210 22.69 9.11 -2.12
CA ALA A 210 21.74 8.02 -1.74
C ALA A 210 20.66 8.59 -0.83
N PRO A 211 19.38 8.34 -1.16
CA PRO A 211 18.28 8.70 -0.28
C PRO A 211 17.89 7.54 0.64
N PHE A 212 17.37 7.88 1.79
CA PHE A 212 16.96 6.92 2.85
C PHE A 212 15.56 7.21 3.39
N ALA A 213 14.94 6.16 3.94
CA ALA A 213 13.73 6.23 4.76
C ALA A 213 13.89 5.19 5.85
N GLY A 214 13.15 5.39 6.92
CA GLY A 214 13.03 4.39 7.96
C GLY A 214 12.11 4.84 9.05
N PRO A 215 11.97 4.10 10.16
CA PRO A 215 12.69 2.85 10.44
C PRO A 215 12.06 1.56 9.91
N ASP A 216 10.99 1.66 9.13
CA ASP A 216 10.36 0.48 8.47
C ASP A 216 9.93 -0.53 9.56
N THR A 217 9.39 -0.04 10.66
CA THR A 217 9.05 -0.88 11.83
C THR A 217 7.76 -1.68 11.59
N ALA A 218 7.68 -2.82 12.26
CA ALA A 218 6.47 -3.66 12.22
C ALA A 218 5.35 -2.98 12.99
N TYR A 219 5.64 -2.52 14.19
CA TYR A 219 4.57 -2.00 15.09
C TYR A 219 5.04 -1.02 16.17
N ASN A 220 6.32 -1.00 16.56
CA ASN A 220 6.76 -0.31 17.78
C ASN A 220 6.79 1.20 17.53
N THR A 221 5.70 1.91 17.83
CA THR A 221 5.59 3.36 17.53
C THR A 221 6.61 4.16 18.32
N LYS A 222 7.14 3.63 19.41
CA LYS A 222 8.11 4.33 20.28
C LYS A 222 9.42 4.60 19.52
N TRP A 223 9.66 3.91 18.41
CA TRP A 223 10.90 4.10 17.62
C TRP A 223 10.75 5.27 16.64
N LEU A 224 9.53 5.67 16.27
CA LEU A 224 9.33 6.57 15.11
C LEU A 224 9.99 7.94 15.31
N VAL A 225 9.64 8.67 16.35
CA VAL A 225 10.12 10.07 16.54
C VAL A 225 11.59 10.06 16.97
N PRO A 226 12.10 9.14 17.81
CA PRO A 226 13.54 9.07 18.10
C PRO A 226 14.38 8.79 16.86
N PHE A 227 13.86 7.95 15.95
CA PHE A 227 14.53 7.72 14.64
C PHE A 227 14.54 9.03 13.85
N ALA A 228 13.38 9.65 13.72
CA ALA A 228 13.20 10.90 12.93
C ALA A 228 14.12 12.00 13.45
N ASP A 229 14.29 12.08 14.77
CA ASP A 229 15.05 13.17 15.42
C ASP A 229 16.53 12.90 15.23
N LYS A 230 16.97 11.69 15.50
CA LYS A 230 18.40 11.37 15.37
C LYS A 230 18.85 11.51 13.90
N PHE A 231 18.01 11.08 12.94
CA PHE A 231 18.44 10.97 11.52
C PHE A 231 17.68 11.97 10.65
N LYS A 232 17.22 13.06 11.24
CA LYS A 232 16.41 14.11 10.57
C LYS A 232 17.08 14.61 9.29
N HIS A 233 18.40 14.78 9.27
CA HIS A 233 19.14 15.33 8.09
C HIS A 233 19.53 14.21 7.13
N ASP A 234 19.16 12.96 7.43
CA ASP A 234 19.68 11.80 6.69
C ASP A 234 18.55 11.06 5.95
N VAL A 235 17.29 11.40 6.17
CA VAL A 235 16.15 10.65 5.58
C VAL A 235 15.19 11.59 4.84
N LYS A 236 14.43 11.02 3.92
CA LYS A 236 13.41 11.74 3.11
C LYS A 236 12.05 11.64 3.79
N PHE A 237 11.76 10.53 4.43
CA PHE A 237 10.46 10.31 5.06
C PHE A 237 10.59 9.18 6.07
N ILE A 238 9.59 9.13 6.93
CA ILE A 238 9.48 8.12 8.00
C ILE A 238 8.53 7.02 7.54
N SER A 239 8.82 5.78 7.93
CA SER A 239 8.04 4.64 7.44
C SER A 239 7.70 3.69 8.58
N SER A 240 6.56 3.08 8.49
CA SER A 240 6.19 1.99 9.43
C SER A 240 5.16 1.10 8.73
N HIS A 241 4.76 0.03 9.38
CA HIS A 241 3.93 -1.04 8.80
C HIS A 241 2.60 -1.11 9.56
N TYR A 242 1.63 -1.79 8.97
CA TYR A 242 0.35 -2.03 9.67
C TYR A 242 -0.31 -3.30 9.16
N TYR A 243 -0.66 -4.21 10.08
CA TYR A 243 -1.53 -5.39 9.79
C TYR A 243 -2.73 -5.36 10.74
N ALA A 244 -3.94 -5.54 10.22
CA ALA A 244 -5.18 -5.41 11.04
C ALA A 244 -5.22 -6.52 12.09
N GLU A 245 -4.76 -7.71 11.74
CA GLU A 245 -4.30 -8.74 12.71
C GLU A 245 -2.77 -8.83 12.63
N MET A 253 -8.36 -13.42 13.05
CA MET A 253 -9.21 -12.44 12.32
C MET A 253 -10.46 -13.16 11.77
N THR A 254 -11.59 -12.45 11.74
CA THR A 254 -12.83 -12.75 10.98
C THR A 254 -13.17 -11.58 10.04
N ILE A 255 -14.06 -11.78 9.07
CA ILE A 255 -14.45 -10.64 8.21
C ILE A 255 -15.11 -9.53 9.03
N GLU A 256 -15.96 -9.90 10.02
CA GLU A 256 -16.69 -8.91 10.86
C GLU A 256 -15.64 -8.03 11.57
N ARG A 257 -14.60 -8.66 12.12
CA ARG A 257 -13.51 -7.94 12.84
C ARG A 257 -12.77 -7.03 11.86
N LEU A 258 -12.54 -7.47 10.62
CA LEU A 258 -11.77 -6.65 9.65
C LEU A 258 -12.54 -5.38 9.32
N MET A 259 -13.89 -5.34 9.45
CA MET A 259 -14.67 -4.16 9.02
C MET A 259 -14.71 -3.09 10.13
N LYS A 260 -14.12 -3.36 11.30
CA LYS A 260 -14.14 -2.46 12.50
C LYS A 260 -12.75 -1.93 12.84
N PRO A 261 -12.69 -0.73 13.45
CA PRO A 261 -11.49 -0.26 14.18
C PRO A 261 -10.93 -1.28 15.17
N ASN A 262 -9.63 -1.21 15.45
CA ASN A 262 -9.00 -2.07 16.50
C ASN A 262 -7.90 -1.23 17.15
N PRO A 263 -7.42 -1.61 18.35
CA PRO A 263 -6.36 -0.88 19.04
C PRO A 263 -5.06 -0.75 18.24
N ARG A 264 -4.69 -1.78 17.48
CA ARG A 264 -3.43 -1.70 16.70
C ARG A 264 -3.55 -0.59 15.65
N LEU A 265 -4.70 -0.48 14.97
CA LEU A 265 -4.92 0.62 13.99
C LEU A 265 -4.82 1.98 14.66
N LEU A 266 -5.50 2.10 15.82
CA LEU A 266 -5.55 3.37 16.61
C LEU A 266 -4.12 3.81 16.99
N GLY A 267 -3.30 2.86 17.42
CA GLY A 267 -1.88 3.07 17.79
C GLY A 267 -1.06 3.48 16.58
N GLU A 268 -1.24 2.79 15.45
CA GLU A 268 -0.48 3.18 14.22
C GLU A 268 -0.92 4.58 13.79
N THR A 269 -2.22 4.89 13.83
CA THR A 269 -2.74 6.23 13.44
C THR A 269 -2.13 7.30 14.36
N ALA A 270 -2.10 7.01 15.66
CA ALA A 270 -1.53 7.92 16.68
C ALA A 270 -0.02 8.08 16.42
N GLY A 271 0.66 7.02 16.00
CA GLY A 271 2.10 7.12 15.68
C GLY A 271 2.36 8.05 14.48
N LEU A 272 1.60 7.84 13.40
CA LEU A 272 1.64 8.70 12.19
C LEU A 272 1.38 10.16 12.62
N LYS A 273 0.35 10.39 13.40
CA LYS A 273 0.02 11.77 13.85
C LYS A 273 1.16 12.37 14.71
N GLN A 274 1.82 11.59 15.57
CA GLN A 274 2.98 12.11 16.37
C GLN A 274 4.12 12.51 15.43
N VAL A 275 4.40 11.73 14.39
CA VAL A 275 5.49 12.06 13.44
C VAL A 275 5.17 13.38 12.76
N GLU A 276 3.90 13.54 12.37
CA GLU A 276 3.52 14.73 11.56
C GLU A 276 3.63 15.94 12.50
N ALA A 277 3.18 15.78 13.75
CA ALA A 277 3.11 16.91 14.70
C ALA A 277 4.51 17.27 15.24
N ASP A 278 5.39 16.30 15.49
CA ASP A 278 6.66 16.58 16.22
C ASP A 278 7.84 16.79 15.26
N THR A 279 7.75 16.45 13.98
CA THR A 279 8.92 16.54 13.04
C THR A 279 8.72 17.32 11.73
N GLY A 280 7.53 17.42 11.14
CA GLY A 280 7.52 17.86 9.70
C GLY A 280 8.39 17.06 8.67
N LEU A 281 8.86 15.86 8.97
CA LEU A 281 9.13 14.83 7.92
C LEU A 281 7.81 14.19 7.54
N PRO A 282 7.57 13.88 6.26
CA PRO A 282 6.41 13.11 5.83
C PRO A 282 6.48 11.66 6.33
N PHE A 283 5.33 10.97 6.29
CA PHE A 283 5.19 9.56 6.73
C PHE A 283 4.65 8.74 5.55
N ARG A 284 5.14 7.51 5.37
CA ARG A 284 4.58 6.57 4.37
C ARG A 284 4.36 5.23 5.05
N LEU A 285 3.20 4.62 4.79
CA LEU A 285 2.91 3.26 5.32
C LEU A 285 3.51 2.27 4.32
N THR A 286 4.75 1.85 4.52
CA THR A 286 5.57 1.17 3.50
C THR A 286 5.27 -0.33 3.41
N GLU A 287 4.47 -0.87 4.30
CA GLU A 287 4.04 -2.29 4.19
C GLU A 287 2.78 -2.51 5.01
N THR A 288 1.71 -2.95 4.36
CA THR A 288 0.44 -3.15 5.05
C THR A 288 -0.36 -4.25 4.35
N ASN A 289 -1.08 -5.01 5.15
CA ASN A 289 -2.16 -5.84 4.58
C ASN A 289 -3.02 -6.36 5.73
N SER A 290 -4.03 -7.17 5.40
CA SER A 290 -5.14 -7.43 6.32
C SER A 290 -4.74 -8.27 7.52
N CYS A 291 -3.96 -9.32 7.33
N CYS A 291 -3.96 -9.32 7.33
CA CYS A 291 -3.61 -10.29 8.39
CA CYS A 291 -3.63 -10.32 8.39
C CYS A 291 -2.17 -10.73 8.19
C CYS A 291 -2.18 -10.75 8.20
N TYR A 292 -1.34 -10.69 9.24
CA TYR A 292 0.09 -11.08 9.11
C TYR A 292 0.24 -12.61 9.03
N GLN A 293 1.48 -13.06 8.97
CA GLN A 293 1.86 -14.46 8.69
C GLN A 293 1.28 -14.89 7.33
N GLY A 294 1.22 -13.95 6.36
CA GLY A 294 0.84 -14.25 4.96
C GLY A 294 -0.66 -14.21 4.72
N GLY A 295 -1.46 -13.83 5.69
CA GLY A 295 -2.91 -13.69 5.47
C GLY A 295 -3.71 -14.90 5.92
N LYS A 296 -5.01 -14.73 5.89
CA LYS A 296 -5.98 -15.75 6.36
C LYS A 296 -6.95 -16.13 5.23
N GLN A 297 -6.90 -17.38 4.82
CA GLN A 297 -7.86 -17.94 3.84
C GLN A 297 -9.29 -17.69 4.35
N GLY A 298 -10.18 -17.08 3.54
CA GLY A 298 -11.56 -16.81 3.95
C GLY A 298 -11.74 -15.43 4.50
N VAL A 299 -10.66 -14.66 4.65
CA VAL A 299 -10.73 -13.25 5.06
C VAL A 299 -9.92 -12.38 4.10
N SER A 300 -8.61 -12.60 4.05
CA SER A 300 -7.69 -11.76 3.26
C SER A 300 -7.95 -11.84 1.74
N ASP A 301 -8.42 -12.98 1.24
CA ASP A 301 -8.65 -13.26 -0.21
C ASP A 301 -10.13 -13.02 -0.60
N THR A 302 -10.85 -12.23 0.17
CA THR A 302 -12.31 -12.03 -0.06
C THR A 302 -12.59 -10.60 -0.47
N PHE A 303 -13.79 -10.39 -0.99
CA PHE A 303 -14.31 -9.04 -1.32
C PHE A 303 -14.23 -8.07 -0.12
N ALA A 304 -14.41 -8.54 1.11
CA ALA A 304 -14.27 -7.72 2.33
C ALA A 304 -12.92 -7.00 2.31
N ALA A 305 -11.87 -7.63 1.80
CA ALA A 305 -10.53 -7.02 1.76
C ALA A 305 -10.49 -5.83 0.80
N ALA A 306 -11.29 -5.82 -0.24
CA ALA A 306 -11.39 -4.64 -1.13
C ALA A 306 -11.96 -3.41 -0.39
N LEU A 307 -13.01 -3.64 0.40
CA LEU A 307 -13.61 -2.59 1.22
C LEU A 307 -12.59 -2.15 2.29
N TRP A 308 -11.96 -3.11 2.96
CA TRP A 308 -10.93 -2.84 4.00
C TRP A 308 -9.84 -1.97 3.38
N ALA A 309 -9.31 -2.38 2.20
CA ALA A 309 -8.13 -1.73 1.61
C ALA A 309 -8.47 -0.35 1.09
N GLY A 310 -9.59 -0.18 0.40
CA GLY A 310 -9.98 1.14 -0.12
C GLY A 310 -10.25 2.11 1.04
N ASP A 311 -10.88 1.64 2.09
CA ASP A 311 -11.21 2.48 3.27
C ASP A 311 -9.86 2.88 3.94
N LEU A 312 -8.95 1.92 4.08
CA LEU A 312 -7.62 2.19 4.70
C LEU A 312 -6.87 3.28 3.94
N MET A 313 -6.81 3.21 2.60
CA MET A 313 -6.11 4.22 1.80
C MET A 313 -6.59 5.63 2.17
N TYR A 314 -7.90 5.82 2.28
CA TYR A 314 -8.47 7.15 2.61
C TYR A 314 -8.27 7.50 4.08
N GLN A 315 -8.48 6.60 5.01
CA GLN A 315 -8.33 6.87 6.46
C GLN A 315 -6.91 7.32 6.76
N GLN A 316 -5.92 6.62 6.21
CA GLN A 316 -4.51 6.99 6.42
C GLN A 316 -4.23 8.34 5.75
N ALA A 317 -4.74 8.63 4.56
CA ALA A 317 -4.53 9.92 3.84
C ALA A 317 -5.17 11.02 4.70
N ALA A 318 -6.37 10.77 5.26
CA ALA A 318 -7.06 11.78 6.11
C ALA A 318 -6.25 12.04 7.40
N ALA A 319 -5.52 11.06 7.93
CA ALA A 319 -4.67 11.15 9.14
C ALA A 319 -3.30 11.76 8.83
N GLY A 320 -2.98 12.08 7.57
CA GLY A 320 -1.73 12.76 7.16
C GLY A 320 -0.71 11.86 6.45
N SER A 321 -1.01 10.59 6.17
CA SER A 321 -0.04 9.72 5.42
C SER A 321 0.13 10.21 3.98
N THR A 322 1.36 10.17 3.43
CA THR A 322 1.74 10.51 2.03
C THR A 322 1.66 9.31 1.06
N GLY A 323 1.53 8.11 1.56
CA GLY A 323 1.41 6.94 0.65
C GLY A 323 1.33 5.63 1.37
N ILE A 324 1.17 4.57 0.57
CA ILE A 324 0.85 3.23 1.12
C ILE A 324 1.54 2.21 0.21
N ASN A 325 1.82 1.04 0.74
CA ASN A 325 2.35 -0.11 -0.05
C ASN A 325 1.70 -1.38 0.46
N PHE A 326 0.76 -1.94 -0.31
CA PHE A 326 0.11 -3.18 0.09
C PHE A 326 1.03 -4.33 -0.26
N HIS A 327 1.35 -5.14 0.75
CA HIS A 327 2.26 -6.28 0.58
C HIS A 327 1.60 -7.43 -0.17
N GLY A 328 2.42 -8.24 -0.85
CA GLY A 328 1.86 -9.31 -1.68
C GLY A 328 2.94 -10.07 -2.40
N GLY A 329 2.58 -10.70 -3.48
CA GLY A 329 3.44 -11.63 -4.24
C GLY A 329 2.86 -13.03 -4.29
N GLY A 330 3.45 -13.84 -5.17
CA GLY A 330 3.07 -15.23 -5.35
C GLY A 330 1.56 -15.34 -5.48
N TYR A 331 0.98 -16.24 -4.71
CA TYR A 331 -0.49 -16.41 -4.63
C TYR A 331 -0.91 -16.15 -3.19
N GLY A 332 -0.14 -15.34 -2.47
CA GLY A 332 -0.41 -15.15 -1.04
C GLY A 332 -1.87 -14.77 -0.80
N TRP A 333 -2.44 -15.17 0.33
CA TRP A 333 -3.88 -14.92 0.58
C TRP A 333 -4.17 -13.44 0.45
N TYR A 334 -3.25 -12.52 0.89
CA TYR A 334 -3.60 -11.09 0.82
C TYR A 334 -3.06 -10.32 -0.42
N THR A 335 -2.46 -10.99 -1.37
CA THR A 335 -1.83 -10.26 -2.50
C THR A 335 -2.89 -9.51 -3.33
N PRO A 336 -2.63 -8.23 -3.70
CA PRO A 336 -3.52 -7.54 -4.64
C PRO A 336 -3.47 -8.17 -6.04
N VAL A 337 -2.25 -8.55 -6.50
CA VAL A 337 -2.03 -9.20 -7.82
C VAL A 337 -1.39 -10.56 -7.56
N ALA A 338 -1.94 -11.62 -8.15
CA ALA A 338 -1.43 -12.99 -7.97
C ALA A 338 -0.90 -13.46 -9.32
N GLY A 339 0.13 -14.30 -9.31
CA GLY A 339 0.56 -14.98 -10.54
C GLY A 339 2.05 -15.08 -10.70
N THR A 340 2.44 -15.50 -11.90
CA THR A 340 3.86 -15.79 -12.26
C THR A 340 4.03 -15.43 -13.73
N PRO A 341 5.27 -15.15 -14.20
CA PRO A 341 5.48 -14.91 -15.62
C PRO A 341 5.03 -16.08 -16.51
N GLU A 342 5.21 -17.31 -16.05
CA GLU A 342 4.90 -18.54 -16.82
C GLU A 342 3.39 -18.71 -16.91
N ASP A 343 2.63 -18.44 -15.83
CA ASP A 343 1.20 -18.81 -15.77
C ASP A 343 0.31 -17.56 -15.89
N GLY A 344 0.88 -16.37 -15.85
CA GLY A 344 0.10 -15.15 -15.99
C GLY A 344 -0.37 -14.60 -14.65
N PHE A 345 -0.92 -13.40 -14.68
CA PHE A 345 -1.32 -12.62 -13.49
C PHE A 345 -2.83 -12.31 -13.52
N ILE A 346 -3.40 -12.16 -12.32
CA ILE A 346 -4.83 -11.85 -12.09
C ILE A 346 -4.96 -10.88 -10.92
N ALA A 347 -5.95 -10.00 -11.01
CA ALA A 347 -6.35 -9.12 -9.90
C ALA A 347 -7.19 -9.91 -8.89
N ARG A 348 -6.73 -9.96 -7.65
CA ARG A 348 -7.46 -10.56 -6.52
C ARG A 348 -8.44 -9.53 -6.01
N PRO A 349 -9.36 -9.90 -5.10
CA PRO A 349 -10.41 -8.97 -4.65
C PRO A 349 -9.83 -7.66 -4.09
N GLU A 350 -8.77 -7.70 -3.28
CA GLU A 350 -8.21 -6.48 -2.67
C GLU A 350 -7.86 -5.44 -3.77
N TYR A 351 -7.40 -5.86 -4.95
CA TYR A 351 -7.01 -4.95 -6.05
C TYR A 351 -8.16 -3.97 -6.33
N TYR A 352 -9.41 -4.46 -6.25
CA TYR A 352 -10.54 -3.63 -6.66
C TYR A 352 -10.76 -2.45 -5.71
N GLY A 353 -10.40 -2.57 -4.44
CA GLY A 353 -10.45 -1.40 -3.55
C GLY A 353 -9.38 -0.37 -3.92
N MET A 354 -8.20 -0.83 -4.36
CA MET A 354 -7.11 0.08 -4.82
C MET A 354 -7.50 0.67 -6.18
N LEU A 355 -8.29 -0.06 -6.98
CA LEU A 355 -8.74 0.47 -8.30
C LEU A 355 -9.78 1.58 -8.07
N LEU A 356 -10.60 1.50 -7.03
CA LEU A 356 -11.57 2.59 -6.74
C LEU A 356 -10.74 3.86 -6.46
N PHE A 357 -9.70 3.75 -5.63
CA PHE A 357 -8.83 4.87 -5.28
C PHE A 357 -8.22 5.41 -6.55
N ALA A 358 -7.69 4.54 -7.42
CA ALA A 358 -7.01 4.97 -8.65
C ALA A 358 -7.97 5.79 -9.51
N GLN A 359 -9.21 5.36 -9.64
CA GLN A 359 -10.23 6.02 -10.48
C GLN A 359 -10.65 7.35 -9.83
N ALA A 360 -10.66 7.43 -8.51
CA ALA A 360 -11.00 8.69 -7.79
C ALA A 360 -9.92 9.71 -8.13
N GLY A 361 -8.66 9.29 -8.07
CA GLY A 361 -7.53 10.12 -8.47
C GLY A 361 -7.07 11.04 -7.35
N ALA A 362 -6.08 11.86 -7.67
CA ALA A 362 -5.40 12.74 -6.69
C ALA A 362 -6.28 13.96 -6.42
N GLY A 363 -6.02 14.63 -5.31
CA GLY A 363 -6.76 15.88 -4.99
C GLY A 363 -6.61 16.23 -3.55
N GLN A 364 -7.54 17.04 -3.02
CA GLN A 364 -7.49 17.46 -1.60
C GLN A 364 -8.77 16.98 -0.93
N LEU A 365 -8.61 16.39 0.24
CA LEU A 365 -9.73 15.87 1.01
C LEU A 365 -10.56 17.04 1.54
N LEU A 366 -11.85 16.81 1.61
CA LEU A 366 -12.89 17.76 2.12
C LEU A 366 -13.55 17.14 3.34
N GLY A 367 -14.21 17.94 4.18
CA GLY A 367 -15.01 17.40 5.29
C GLY A 367 -16.15 16.54 4.76
N ALA A 368 -16.51 15.47 5.46
CA ALA A 368 -17.61 14.56 5.12
C ALA A 368 -18.02 13.91 6.43
N LYS A 369 -19.11 14.41 7.01
CA LYS A 369 -19.61 13.97 8.33
C LYS A 369 -20.87 13.14 8.13
N LEU A 370 -20.91 11.96 8.73
CA LEU A 370 -22.10 11.08 8.74
C LEU A 370 -22.93 11.37 10.01
N THR A 371 -24.25 11.35 9.87
CA THR A 371 -25.23 11.53 10.99
C THR A 371 -26.30 10.44 10.92
N ASP A 372 -27.00 10.20 12.03
CA ASP A 372 -28.12 9.23 12.09
C ASP A 372 -27.61 7.83 11.72
N ASN A 373 -26.38 7.50 12.12
CA ASN A 373 -25.62 6.36 11.55
C ASN A 373 -25.28 5.33 12.62
N SER A 374 -25.88 5.39 13.81
CA SER A 374 -25.52 4.48 14.91
C SER A 374 -26.01 3.08 14.55
N ALA A 375 -27.04 2.98 13.70
CA ALA A 375 -27.58 1.72 13.17
C ALA A 375 -26.72 1.13 12.04
N ALA A 376 -25.82 1.93 11.46
CA ALA A 376 -24.97 1.57 10.28
C ALA A 376 -23.57 2.10 10.53
N PRO A 377 -22.94 1.70 11.66
CA PRO A 377 -21.75 2.39 12.17
C PRO A 377 -20.44 2.12 11.39
N LEU A 378 -20.38 1.07 10.57
CA LEU A 378 -19.18 0.69 9.77
C LEU A 378 -19.24 1.31 8.37
N LEU A 379 -20.22 2.17 8.09
CA LEU A 379 -20.24 2.99 6.86
C LEU A 379 -19.18 4.08 7.01
N THR A 380 -18.24 4.19 6.03
CA THR A 380 -17.28 5.31 6.01
C THR A 380 -17.44 6.05 4.71
N ALA A 381 -17.08 7.32 4.74
CA ALA A 381 -17.19 8.21 3.57
C ALA A 381 -16.11 9.27 3.58
N TYR A 382 -15.60 9.56 2.38
CA TYR A 382 -14.48 10.49 2.15
C TYR A 382 -14.85 11.29 0.93
N ALA A 383 -14.73 12.61 1.04
CA ALA A 383 -14.92 13.55 -0.08
C ALA A 383 -13.59 14.12 -0.48
N LEU A 384 -13.50 14.44 -1.76
CA LEU A 384 -12.26 14.86 -2.39
C LEU A 384 -12.55 15.86 -3.49
N ARG A 385 -11.81 16.98 -3.54
CA ARG A 385 -11.79 17.85 -4.73
C ARG A 385 -10.61 17.41 -5.56
N GLY A 386 -10.93 16.87 -6.73
CA GLY A 386 -9.92 16.33 -7.64
C GLY A 386 -9.10 17.45 -8.24
N THR A 387 -7.96 17.10 -8.82
CA THR A 387 -7.03 18.05 -9.48
C THR A 387 -7.79 18.81 -10.57
N ASP A 388 -8.77 18.17 -11.25
CA ASP A 388 -9.64 18.76 -12.29
C ASP A 388 -10.70 19.70 -11.68
N GLY A 389 -10.81 19.78 -10.35
CA GLY A 389 -11.74 20.70 -9.67
C GLY A 389 -13.07 20.07 -9.33
N ARG A 390 -13.32 18.83 -9.77
CA ARG A 390 -14.64 18.17 -9.57
C ARG A 390 -14.64 17.42 -8.24
N THR A 391 -15.76 17.41 -7.53
CA THR A 391 -15.94 16.69 -6.27
C THR A 391 -16.17 15.20 -6.54
N ARG A 392 -15.55 14.36 -5.71
CA ARG A 392 -15.74 12.89 -5.68
C ARG A 392 -16.00 12.49 -4.24
N ILE A 393 -16.75 11.45 -4.05
CA ILE A 393 -17.03 10.87 -2.72
C ILE A 393 -16.77 9.38 -2.87
N ALA A 394 -15.93 8.84 -2.00
CA ALA A 394 -15.71 7.38 -1.86
C ALA A 394 -16.50 6.90 -0.64
N LEU A 395 -17.42 5.99 -0.85
CA LEU A 395 -18.15 5.39 0.29
C LEU A 395 -17.84 3.90 0.39
N PHE A 396 -17.74 3.42 1.63
CA PHE A 396 -17.51 2.00 1.96
C PHE A 396 -18.57 1.59 2.96
N ASN A 397 -19.64 0.96 2.46
CA ASN A 397 -20.64 0.35 3.36
C ASN A 397 -20.11 -0.99 3.89
N LYS A 398 -19.29 -0.94 4.95
CA LYS A 398 -18.66 -2.11 5.59
C LYS A 398 -19.60 -2.80 6.57
N ASN A 399 -20.82 -2.30 6.73
CA ASN A 399 -21.87 -3.02 7.50
C ASN A 399 -22.22 -4.31 6.75
N LEU A 400 -22.10 -5.45 7.42
CA LEU A 400 -22.29 -6.77 6.78
C LEU A 400 -23.79 -7.10 6.76
N ASP A 401 -24.61 -6.46 7.59
CA ASP A 401 -26.05 -6.83 7.69
C ASP A 401 -26.98 -5.65 7.41
N ALA A 402 -26.49 -4.45 7.07
CA ALA A 402 -27.35 -3.25 6.91
C ALA A 402 -27.12 -2.60 5.55
N ASP A 403 -28.16 -2.51 4.72
CA ASP A 403 -28.24 -1.59 3.56
C ASP A 403 -28.40 -0.18 4.13
N VAL A 404 -27.99 0.83 3.38
CA VAL A 404 -28.04 2.26 3.80
C VAL A 404 -28.60 3.09 2.68
N GLU A 405 -29.31 4.15 3.04
CA GLU A 405 -29.75 5.21 2.12
C GLU A 405 -29.02 6.47 2.56
N VAL A 406 -28.19 7.05 1.69
CA VAL A 406 -27.28 8.15 2.05
C VAL A 406 -27.83 9.44 1.45
N ALA A 407 -28.40 10.28 2.31
CA ALA A 407 -28.81 11.65 1.95
C ALA A 407 -27.59 12.57 1.97
N ILE A 408 -27.17 13.03 0.79
CA ILE A 408 -25.91 13.79 0.59
C ILE A 408 -26.23 15.27 0.40
N SER A 409 -25.73 16.09 1.33
CA SER A 409 -25.87 17.56 1.29
C SER A 409 -24.48 18.17 1.16
N GLY A 410 -24.43 19.41 0.71
CA GLY A 410 -23.20 20.22 0.65
C GLY A 410 -22.54 20.04 -0.68
N VAL A 411 -23.13 19.20 -1.55
CA VAL A 411 -22.57 19.06 -2.93
C VAL A 411 -23.50 19.78 -3.87
N ALA A 412 -22.96 20.79 -4.55
CA ALA A 412 -23.59 21.54 -5.66
C ALA A 412 -23.06 21.01 -6.98
N SER A 413 -23.92 20.43 -7.81
CA SER A 413 -23.61 20.02 -9.19
C SER A 413 -24.91 19.72 -9.91
N PRO A 414 -25.02 19.99 -11.23
CA PRO A 414 -26.19 19.54 -11.98
C PRO A 414 -26.41 18.02 -11.80
N SER A 415 -25.31 17.24 -11.82
CA SER A 415 -25.27 15.80 -12.20
C SER A 415 -24.17 15.06 -11.42
N GLY A 416 -24.39 13.81 -11.03
CA GLY A 416 -23.28 12.93 -10.61
C GLY A 416 -23.47 11.53 -11.17
N THR A 417 -22.36 10.81 -11.33
CA THR A 417 -22.31 9.38 -11.76
C THR A 417 -21.73 8.52 -10.62
N VAL A 418 -22.16 7.26 -10.55
CA VAL A 418 -21.75 6.30 -9.49
C VAL A 418 -21.10 5.10 -10.21
N LEU A 419 -19.91 4.78 -9.74
CA LEU A 419 -19.26 3.48 -10.05
C LEU A 419 -19.36 2.65 -8.79
N ARG A 420 -19.92 1.45 -8.89
CA ARG A 420 -20.14 0.56 -7.73
C ARG A 420 -19.03 -0.48 -7.65
N LEU A 421 -18.58 -0.74 -6.43
CA LEU A 421 -17.65 -1.82 -6.04
C LEU A 421 -18.49 -2.88 -5.38
N GLU A 422 -18.60 -4.06 -5.99
CA GLU A 422 -19.61 -5.07 -5.60
C GLU A 422 -19.08 -6.48 -5.72
N ALA A 423 -19.59 -7.35 -4.87
CA ALA A 423 -19.62 -8.81 -5.03
C ALA A 423 -20.89 -9.31 -4.37
N PRO A 424 -21.34 -10.54 -4.70
CA PRO A 424 -22.63 -10.99 -4.19
C PRO A 424 -22.60 -11.32 -2.69
N ARG A 425 -21.42 -11.58 -2.11
CA ARG A 425 -21.27 -11.86 -0.66
C ARG A 425 -19.93 -11.30 -0.19
N ALA A 426 -19.85 -10.95 1.07
CA ALA A 426 -18.64 -10.30 1.62
C ALA A 426 -17.47 -11.29 1.58
N ASP A 427 -17.75 -12.58 1.71
CA ASP A 427 -16.73 -13.64 1.79
C ASP A 427 -16.38 -14.17 0.40
N ASP A 428 -16.90 -13.56 -0.68
CA ASP A 428 -16.64 -14.09 -2.07
C ASP A 428 -15.15 -13.94 -2.41
N THR A 429 -14.53 -14.96 -3.01
CA THR A 429 -13.09 -14.92 -3.42
C THR A 429 -13.00 -14.48 -4.88
N THR A 430 -14.18 -14.38 -5.52
CA THR A 430 -14.26 -13.98 -6.95
C THR A 430 -15.56 -13.18 -7.13
N ASP A 431 -15.97 -12.98 -8.38
CA ASP A 431 -17.23 -12.27 -8.72
C ASP A 431 -17.10 -10.80 -8.32
N VAL A 432 -15.88 -10.25 -8.20
CA VAL A 432 -15.76 -8.83 -7.78
C VAL A 432 -15.77 -7.96 -9.03
N THR A 433 -16.53 -6.88 -9.00
CA THR A 433 -16.50 -5.94 -10.12
C THR A 433 -16.39 -4.50 -9.60
N PHE A 434 -15.95 -3.63 -10.49
CA PHE A 434 -15.96 -2.17 -10.23
C PHE A 434 -16.45 -1.51 -11.49
N GLY A 435 -17.45 -0.63 -11.32
CA GLY A 435 -18.01 0.03 -12.50
C GLY A 435 -18.62 -1.02 -13.46
N GLY A 436 -19.15 -2.10 -12.90
CA GLY A 436 -19.84 -3.16 -13.65
C GLY A 436 -18.91 -4.00 -14.50
N ALA A 437 -17.61 -4.03 -14.21
CA ALA A 437 -16.63 -4.81 -14.99
C ALA A 437 -15.58 -5.41 -14.07
N PRO A 438 -15.13 -6.65 -14.38
CA PRO A 438 -13.91 -7.15 -13.78
C PRO A 438 -12.70 -6.57 -14.52
N VAL A 439 -11.55 -6.66 -13.84
CA VAL A 439 -10.23 -6.40 -14.43
C VAL A 439 -9.84 -7.61 -15.26
N GLY A 440 -9.27 -7.36 -16.43
CA GLY A 440 -8.85 -8.46 -17.30
C GLY A 440 -7.37 -8.69 -17.25
N ALA A 441 -6.84 -9.24 -18.36
CA ALA A 441 -5.41 -9.53 -18.45
C ALA A 441 -4.63 -8.22 -18.46
N SER A 442 -3.50 -8.25 -17.83
CA SER A 442 -2.51 -7.14 -17.90
C SER A 442 -3.14 -5.87 -17.33
N GLY A 443 -4.06 -6.01 -16.38
CA GLY A 443 -4.67 -4.87 -15.69
C GLY A 443 -5.72 -4.14 -16.53
N SER A 444 -6.18 -4.75 -17.63
CA SER A 444 -7.20 -4.12 -18.51
C SER A 444 -8.44 -3.80 -17.72
N TRP A 445 -8.93 -2.55 -17.76
CA TRP A 445 -10.16 -2.16 -17.05
C TRP A 445 -10.74 -0.88 -17.66
N SER A 446 -12.03 -0.92 -17.91
CA SER A 446 -12.86 0.27 -18.21
C SER A 446 -14.27 0.03 -17.70
N PRO A 447 -14.96 1.10 -17.26
CA PRO A 447 -16.27 0.95 -16.67
C PRO A 447 -17.32 0.61 -17.74
N LEU A 448 -18.22 -0.30 -17.42
CA LEU A 448 -19.24 -0.77 -18.38
C LEU A 448 -20.63 -0.39 -17.90
N VAL A 449 -20.81 -0.08 -16.60
CA VAL A 449 -22.09 0.33 -15.97
C VAL A 449 -21.80 1.59 -15.15
N GLN A 450 -22.41 2.68 -15.57
CA GLN A 450 -22.35 4.00 -14.88
C GLN A 450 -23.79 4.47 -14.72
N GLU A 451 -24.17 4.82 -13.52
CA GLU A 451 -25.57 5.12 -13.11
C GLU A 451 -25.55 6.60 -12.70
N TYR A 452 -26.62 7.36 -12.94
CA TYR A 452 -26.73 8.75 -12.40
C TYR A 452 -27.14 8.64 -10.94
N VAL A 453 -26.64 9.57 -10.12
CA VAL A 453 -27.03 9.64 -8.70
C VAL A 453 -28.41 10.27 -8.63
N PRO A 454 -29.39 9.62 -7.96
CA PRO A 454 -30.72 10.20 -7.73
C PRO A 454 -30.72 11.51 -6.91
N GLY A 455 -31.39 12.53 -7.45
CA GLY A 455 -31.58 13.83 -6.80
C GLY A 455 -31.07 14.98 -7.66
N HIS A 456 -30.79 16.11 -7.03
CA HIS A 456 -30.36 17.37 -7.70
C HIS A 456 -29.40 18.10 -6.75
N SER A 457 -28.76 19.16 -7.24
CA SER A 457 -27.77 19.97 -6.49
C SER A 457 -28.24 20.18 -5.04
N GLY A 458 -27.39 19.85 -4.07
CA GLY A 458 -27.59 20.11 -2.64
C GLY A 458 -28.43 19.02 -1.98
N GLN A 459 -29.03 18.13 -2.78
CA GLN A 459 -29.79 16.98 -2.24
C GLN A 459 -29.68 15.81 -3.20
N PHE A 460 -28.66 14.97 -3.01
CA PHE A 460 -28.54 13.68 -3.72
C PHE A 460 -28.87 12.57 -2.74
N VAL A 461 -29.38 11.45 -3.26
CA VAL A 461 -29.74 10.25 -2.46
C VAL A 461 -29.11 9.03 -3.14
N LEU A 462 -28.36 8.26 -2.36
CA LEU A 462 -27.60 7.06 -2.84
C LEU A 462 -27.97 5.86 -1.97
N HIS A 463 -28.48 4.80 -2.59
CA HIS A 463 -28.70 3.51 -1.91
C HIS A 463 -27.39 2.74 -2.02
N MET A 464 -27.04 2.00 -0.97
CA MET A 464 -25.91 1.03 -1.02
C MET A 464 -26.36 -0.24 -0.35
N ARG A 465 -26.17 -1.38 -1.02
CA ARG A 465 -26.37 -2.69 -0.37
C ARG A 465 -25.37 -2.86 0.76
N LYS A 466 -25.72 -3.71 1.69
CA LYS A 466 -24.78 -4.20 2.72
C LYS A 466 -23.48 -4.68 2.02
N ALA A 467 -22.35 -4.49 2.68
CA ALA A 467 -21.05 -4.96 2.16
C ALA A 467 -20.84 -4.53 0.70
N SER A 468 -20.75 -3.23 0.46
CA SER A 468 -20.51 -2.66 -0.88
C SER A 468 -19.79 -1.33 -0.80
N GLY A 469 -19.31 -0.84 -1.95
CA GLY A 469 -18.57 0.42 -2.09
C GLY A 469 -19.05 1.21 -3.27
N ALA A 470 -18.78 2.49 -3.29
CA ALA A 470 -19.22 3.37 -4.38
C ALA A 470 -18.27 4.52 -4.54
N LEU A 471 -18.05 4.92 -5.79
CA LEU A 471 -17.32 6.15 -6.11
C LEU A 471 -18.29 7.05 -6.88
N LEU A 472 -18.55 8.24 -6.33
CA LEU A 472 -19.41 9.26 -6.95
C LEU A 472 -18.53 10.34 -7.53
N GLU A 473 -18.79 10.70 -8.78
CA GLU A 473 -18.12 11.84 -9.44
C GLU A 473 -19.20 12.84 -9.83
N PHE A 474 -18.99 14.10 -9.47
CA PHE A 474 -19.97 15.17 -9.76
C PHE A 474 -19.45 15.93 -10.96
N ALA A 475 -20.38 16.48 -11.75
N ALA A 475 -20.36 16.47 -11.79
CA ALA A 475 -20.10 17.42 -12.86
CA ALA A 475 -20.02 17.29 -12.98
C ALA A 475 -19.69 18.78 -12.31
C ALA A 475 -19.63 18.70 -12.52
C4 VP5 B . 7.06 -8.70 6.99
C5 VP5 B . 6.75 -9.53 5.75
C6 VP5 B . 5.65 -10.56 6.08
N1 VP5 B . 5.82 -8.06 7.50
C3 VP5 B . 4.80 -9.04 7.90
O1 VP5 B . 3.63 -11.45 8.26
C1 VP5 B . 3.44 -10.97 7.14
O2 VP5 B . 2.46 -11.24 6.43
C2 VP5 B . 4.41 -9.90 6.70
O3 VP5 B . 6.22 -8.68 4.73
O4 VP5 B . 7.91 -10.17 5.25
O5 VP5 B . 5.30 -11.25 4.89
S SO4 C . 31.67 -8.96 2.79
O1 SO4 C . 32.33 -7.69 3.19
O2 SO4 C . 31.78 -9.90 3.90
O3 SO4 C . 32.29 -9.54 1.60
O4 SO4 C . 30.29 -8.72 2.50
#